data_3S0X
#
_entry.id   3S0X
#
_cell.length_a   70.895
_cell.length_b   99.715
_cell.length_c   118.436
_cell.angle_alpha   90.00
_cell.angle_beta   90.00
_cell.angle_gamma   90.00
#
_symmetry.space_group_name_H-M   'P 21 21 21'
#
_entity_poly.entity_id   1
_entity_poly.type   'polypeptide(L)'
_entity_poly.pdbx_seq_one_letter_code
;GSHGSGS(MSE)IEYIIGALGLIIASVQDFRSREIEDYIWIFLAVFGVLFAIYSSITLLDYSILINSISGFVICFILGY
(MSE)(MSE)FLSGIGGGDGK(MSE)LIGLGALVPKFQ(MSE)PIYTSLGTLLNLNYVPTFPI(MSE)VFINGIFF
(MSE)VFLPFVILFRNILNGARPKTGKEFIL(MSE)FFGEK(MSE)KVNVAKEQKRLI(MSE)GQNDKINFFPAADDEDF
SKYSNNEEIWVTPQIPLIIPITLSYLVTPIIGDRILDFLIPF
;
_entity_poly.pdbx_strand_id   A,B
#
# COMPACT_ATOMS: atom_id res chain seq x y z
N SER A 5 2.52 8.79 -17.51
CA SER A 5 1.98 7.87 -18.54
C SER A 5 3.09 7.29 -19.42
N GLY A 6 4.01 8.14 -19.88
CA GLY A 6 5.09 7.69 -20.72
C GLY A 6 5.65 6.31 -20.39
N SER A 7 6.63 6.27 -19.48
CA SER A 7 7.35 5.05 -19.06
C SER A 7 6.61 3.97 -18.26
N MSE A 8 5.36 3.70 -18.60
CA MSE A 8 4.55 2.72 -17.88
C MSE A 8 5.09 1.32 -17.62
O MSE A 8 5.20 0.92 -16.46
CB MSE A 8 3.19 2.60 -18.56
CG MSE A 8 2.15 3.46 -17.90
SE MSE A 8 2.02 2.95 -16.06
CE MSE A 8 0.08 2.94 -15.90
N ILE A 9 5.37 0.56 -18.68
CA ILE A 9 5.88 -0.82 -18.56
C ILE A 9 6.91 -0.90 -17.46
N GLU A 10 7.78 0.11 -17.45
CA GLU A 10 8.88 0.24 -16.50
C GLU A 10 8.35 0.34 -15.09
N TYR A 11 7.52 1.35 -14.87
CA TYR A 11 6.97 1.56 -13.55
C TYR A 11 6.40 0.25 -12.99
N ILE A 12 5.56 -0.43 -13.76
CA ILE A 12 4.95 -1.67 -13.31
C ILE A 12 5.98 -2.70 -12.79
N ILE A 13 7.18 -2.73 -13.38
CA ILE A 13 8.22 -3.68 -12.94
C ILE A 13 8.86 -3.33 -11.60
N GLY A 14 8.98 -2.04 -11.33
CA GLY A 14 9.55 -1.63 -10.06
C GLY A 14 8.55 -2.02 -8.98
N ALA A 15 7.29 -1.76 -9.27
CA ALA A 15 6.21 -2.07 -8.36
C ALA A 15 6.29 -3.54 -7.96
N LEU A 16 6.52 -4.39 -8.96
CA LEU A 16 6.61 -5.83 -8.70
C LEU A 16 7.76 -6.06 -7.75
N GLY A 17 8.94 -5.60 -8.14
CA GLY A 17 10.10 -5.78 -7.29
C GLY A 17 9.88 -5.44 -5.82
N LEU A 18 9.22 -4.30 -5.58
CA LEU A 18 8.94 -3.83 -4.22
C LEU A 18 7.87 -4.63 -3.51
N ILE A 19 6.87 -5.12 -4.25
CA ILE A 19 5.84 -5.89 -3.57
C ILE A 19 6.39 -7.26 -3.21
N ILE A 20 7.28 -7.79 -4.04
CA ILE A 20 7.90 -9.06 -3.75
C ILE A 20 8.72 -8.70 -2.52
N ALA A 21 9.61 -7.73 -2.70
CA ALA A 21 10.47 -7.24 -1.64
C ALA A 21 9.80 -6.85 -0.32
N SER A 22 8.69 -6.13 -0.39
CA SER A 22 7.97 -5.72 0.82
C SER A 22 7.32 -6.90 1.53
N VAL A 23 6.85 -7.86 0.75
CA VAL A 23 6.19 -9.05 1.29
C VAL A 23 7.18 -10.04 1.90
N GLN A 24 8.01 -10.67 1.09
CA GLN A 24 8.98 -11.65 1.59
C GLN A 24 9.44 -11.33 3.02
N ASP A 25 10.55 -10.62 3.15
CA ASP A 25 11.08 -10.29 4.47
C ASP A 25 11.44 -11.55 5.24
N GLU A 30 17.54 -11.79 2.70
CA GLU A 30 18.65 -12.06 1.79
C GLU A 30 18.32 -11.71 0.33
N ILE A 31 17.15 -12.14 -0.14
CA ILE A 31 16.72 -11.88 -1.52
C ILE A 31 16.64 -10.39 -1.83
N GLU A 32 16.89 -9.56 -0.81
CA GLU A 32 16.86 -8.11 -1.00
C GLU A 32 18.08 -7.70 -1.81
N ASP A 33 19.06 -8.60 -1.88
CA ASP A 33 20.31 -8.38 -2.63
C ASP A 33 20.14 -8.68 -4.12
N TYR A 34 19.43 -9.76 -4.42
CA TYR A 34 19.19 -10.14 -5.81
C TYR A 34 18.25 -9.12 -6.48
N ILE A 35 17.20 -8.68 -5.79
CA ILE A 35 16.28 -7.73 -6.41
C ILE A 35 16.91 -6.38 -6.78
N TRP A 36 17.54 -5.71 -5.83
CA TRP A 36 18.15 -4.42 -6.14
C TRP A 36 19.01 -4.47 -7.43
N ILE A 37 19.94 -5.42 -7.51
CA ILE A 37 20.80 -5.49 -8.70
C ILE A 37 20.06 -5.82 -9.98
N PHE A 38 18.99 -6.57 -9.86
CA PHE A 38 18.20 -6.94 -11.02
C PHE A 38 17.53 -5.70 -11.60
N LEU A 39 16.92 -4.89 -10.73
CA LEU A 39 16.25 -3.65 -11.14
C LEU A 39 17.20 -2.74 -11.94
N ALA A 40 18.41 -2.54 -11.44
CA ALA A 40 19.37 -1.69 -12.12
C ALA A 40 19.64 -2.21 -13.52
N VAL A 41 20.05 -3.48 -13.59
CA VAL A 41 20.36 -4.12 -14.86
C VAL A 41 19.22 -4.11 -15.85
N PHE A 42 18.06 -4.62 -15.49
CA PHE A 42 16.97 -4.60 -16.43
C PHE A 42 16.78 -3.16 -16.88
N GLY A 43 16.83 -2.25 -15.92
CA GLY A 43 16.67 -0.85 -16.23
C GLY A 43 17.64 -0.36 -17.28
N VAL A 44 18.94 -0.51 -17.03
CA VAL A 44 19.94 -0.09 -17.98
C VAL A 44 19.71 -0.75 -19.34
N LEU A 45 19.63 -2.08 -19.36
CA LEU A 45 19.38 -2.82 -20.60
C LEU A 45 18.15 -2.22 -21.27
N PHE A 46 17.07 -2.08 -20.50
CA PHE A 46 15.84 -1.56 -21.00
C PHE A 46 15.99 -0.24 -21.71
N ALA A 47 16.73 0.69 -21.09
CA ALA A 47 16.97 2.02 -21.66
C ALA A 47 17.63 1.93 -23.05
N ILE A 48 18.61 1.03 -23.22
CA ILE A 48 19.29 0.83 -24.50
C ILE A 48 18.23 0.54 -25.55
N TYR A 49 17.38 -0.45 -25.27
CA TYR A 49 16.31 -0.81 -26.18
C TYR A 49 15.42 0.41 -26.52
N SER A 50 14.91 1.08 -25.50
CA SER A 50 14.07 2.24 -25.73
C SER A 50 14.79 3.32 -26.50
N SER A 51 16.03 3.60 -26.13
CA SER A 51 16.82 4.63 -26.80
C SER A 51 16.90 4.38 -28.28
N ILE A 52 17.59 3.30 -28.64
CA ILE A 52 17.73 2.96 -30.05
C ILE A 52 16.36 2.94 -30.72
N THR A 53 15.39 2.33 -30.05
CA THR A 53 14.06 2.27 -30.60
C THR A 53 13.53 3.68 -30.77
N LEU A 54 13.21 4.36 -29.67
CA LEU A 54 12.69 5.72 -29.74
C LEU A 54 13.61 6.70 -30.44
N LEU A 55 14.89 6.35 -30.54
CA LEU A 55 15.87 7.24 -31.18
C LEU A 55 16.12 8.53 -30.38
N ASP A 56 16.27 8.40 -29.07
CA ASP A 56 16.49 9.57 -28.21
C ASP A 56 17.59 9.32 -27.17
N TYR A 57 18.76 9.92 -27.36
CA TYR A 57 19.85 9.75 -26.41
C TYR A 57 19.35 10.28 -25.06
N SER A 58 18.18 10.91 -25.09
CA SER A 58 17.60 11.49 -23.90
C SER A 58 17.41 10.46 -22.80
N ILE A 59 16.80 9.36 -23.17
CA ILE A 59 16.47 8.26 -22.28
C ILE A 59 17.64 7.61 -21.54
N LEU A 60 18.58 7.11 -22.32
CA LEU A 60 19.76 6.44 -21.79
C LEU A 60 20.45 7.28 -20.72
N ILE A 61 20.74 8.54 -21.07
CA ILE A 61 21.43 9.48 -20.20
C ILE A 61 20.84 9.62 -18.80
N ASN A 62 19.53 9.84 -18.69
CA ASN A 62 18.94 9.97 -17.37
C ASN A 62 19.15 8.70 -16.55
N SER A 63 19.01 7.55 -17.23
CA SER A 63 19.18 6.22 -16.62
C SER A 63 20.54 6.01 -15.98
N ILE A 64 21.59 6.05 -16.81
CA ILE A 64 22.94 5.88 -16.29
C ILE A 64 23.14 6.90 -15.17
N SER A 65 22.82 8.13 -15.48
CA SER A 65 22.94 9.23 -14.54
C SER A 65 22.18 8.91 -13.25
N GLY A 66 20.97 8.42 -13.43
CA GLY A 66 20.17 8.10 -12.28
C GLY A 66 20.87 7.10 -11.41
N PHE A 67 21.41 6.07 -12.03
CA PHE A 67 22.07 5.04 -11.25
C PHE A 67 23.18 5.71 -10.46
N VAL A 68 23.92 6.58 -11.14
CA VAL A 68 25.06 7.22 -10.51
C VAL A 68 24.69 8.15 -9.38
N ILE A 69 23.79 9.08 -9.64
CA ILE A 69 23.41 10.02 -8.60
C ILE A 69 22.92 9.28 -7.36
N CYS A 70 22.23 8.18 -7.59
CA CYS A 70 21.69 7.42 -6.50
C CYS A 70 22.77 6.64 -5.79
N PHE A 71 23.76 6.16 -6.51
CA PHE A 71 24.80 5.39 -5.84
C PHE A 71 25.45 6.32 -4.82
N ILE A 72 25.79 7.51 -5.29
CA ILE A 72 26.42 8.52 -4.44
C ILE A 72 25.58 8.92 -3.22
N LEU A 73 24.29 9.19 -3.41
CA LEU A 73 23.42 9.56 -2.29
C LEU A 73 23.24 8.46 -1.26
N GLY A 74 23.20 7.20 -1.69
CA GLY A 74 23.02 6.10 -0.75
C GLY A 74 24.35 5.68 -0.13
N TYR A 75 25.41 5.72 -0.94
CA TYR A 75 26.73 5.36 -0.45
C TYR A 75 27.09 6.37 0.62
N MSE A 76 26.62 7.59 0.44
CA MSE A 76 26.84 8.63 1.45
C MSE A 76 25.91 8.36 2.61
O MSE A 76 26.30 8.48 3.77
CB MSE A 76 26.58 10.02 0.90
CG MSE A 76 27.64 10.58 -0.02
SE MSE A 76 27.74 12.52 0.13
CE MSE A 76 26.49 13.07 -1.20
N MSE A 77 24.67 7.97 2.31
CA MSE A 77 23.72 7.65 3.36
C MSE A 77 24.27 6.40 4.06
O MSE A 77 24.11 6.23 5.27
CB MSE A 77 22.34 7.39 2.78
CG MSE A 77 21.24 7.78 3.70
SE MSE A 77 19.76 6.60 3.63
CE MSE A 77 19.56 6.34 1.74
N PHE A 78 24.93 5.54 3.29
CA PHE A 78 25.51 4.33 3.85
C PHE A 78 26.58 4.75 4.84
N LEU A 79 27.49 5.58 4.36
CA LEU A 79 28.61 6.07 5.14
C LEU A 79 28.21 6.95 6.32
N SER A 80 27.37 7.97 6.08
CA SER A 80 26.96 8.84 7.17
C SER A 80 26.02 7.98 8.00
N GLY A 81 26.50 6.76 8.26
CA GLY A 81 25.89 5.66 9.03
C GLY A 81 24.38 5.52 9.14
N ILE A 82 23.65 6.63 9.12
CA ILE A 82 22.21 6.63 9.26
C ILE A 82 21.47 5.66 8.34
N GLY A 83 21.57 5.91 7.04
CA GLY A 83 20.89 5.10 6.06
C GLY A 83 20.76 3.63 6.44
N GLY A 84 21.83 3.09 7.04
CA GLY A 84 21.85 1.70 7.46
C GLY A 84 21.37 0.74 6.40
N GLY A 85 20.11 0.84 6.02
CA GLY A 85 19.61 -0.06 5.00
C GLY A 85 18.50 0.43 4.09
N ASP A 86 18.45 -0.24 2.94
CA ASP A 86 17.47 -0.02 1.91
C ASP A 86 17.93 0.98 0.85
N GLY A 87 18.78 1.94 1.24
CA GLY A 87 19.26 2.95 0.31
C GLY A 87 19.53 2.27 -1.02
N LYS A 88 19.78 0.96 -0.97
CA LYS A 88 20.11 0.13 -2.13
C LYS A 88 18.97 -0.07 -3.13
N MSE A 89 17.78 -0.34 -2.66
CA MSE A 89 16.69 -0.52 -3.58
C MSE A 89 16.32 0.82 -4.22
O MSE A 89 15.82 0.86 -5.34
CB MSE A 89 15.48 -1.12 -2.88
CG MSE A 89 14.56 -1.83 -3.84
SE MSE A 89 14.71 -3.62 -3.34
CE MSE A 89 13.54 -4.52 -4.56
N LEU A 90 16.55 1.92 -3.51
CA LEU A 90 16.26 3.23 -4.08
C LEU A 90 17.25 3.44 -5.24
N ILE A 91 18.44 2.85 -5.09
CA ILE A 91 19.50 2.93 -6.10
C ILE A 91 19.04 2.27 -7.40
N GLY A 92 18.72 1.00 -7.29
CA GLY A 92 18.29 0.28 -8.47
C GLY A 92 17.03 0.84 -9.09
N LEU A 93 16.08 1.29 -8.27
CA LEU A 93 14.84 1.83 -8.77
C LEU A 93 15.24 3.00 -9.60
N GLY A 94 16.27 3.69 -9.15
CA GLY A 94 16.73 4.86 -9.86
C GLY A 94 17.16 4.73 -11.33
N ALA A 95 18.02 3.78 -11.63
CA ALA A 95 18.51 3.61 -12.99
C ALA A 95 17.46 3.01 -13.95
N LEU A 96 16.25 2.77 -13.46
CA LEU A 96 15.18 2.18 -14.25
C LEU A 96 14.02 3.15 -14.41
N VAL A 97 13.42 3.58 -13.29
CA VAL A 97 12.30 4.50 -13.32
C VAL A 97 12.62 5.93 -12.89
N PRO A 98 13.82 6.42 -13.19
CA PRO A 98 13.98 7.81 -12.73
C PRO A 98 12.99 8.55 -13.61
N LYS A 99 12.38 9.62 -13.12
CA LYS A 99 11.38 10.36 -13.93
C LYS A 99 10.13 9.54 -14.35
N PHE A 100 8.99 9.88 -13.77
CA PHE A 100 7.74 9.23 -14.06
C PHE A 100 6.66 10.28 -13.82
N GLN A 101 5.53 10.18 -14.53
CA GLN A 101 4.43 11.16 -14.36
C GLN A 101 4.33 11.55 -12.89
N MSE A 102 4.19 12.85 -12.58
CA MSE A 102 4.14 13.28 -11.17
C MSE A 102 4.02 14.79 -11.04
O MSE A 102 4.79 15.52 -11.64
CB MSE A 102 5.39 12.77 -10.49
CG MSE A 102 5.74 13.41 -9.17
SE MSE A 102 7.58 12.87 -8.84
CE MSE A 102 8.39 13.92 -10.19
N PRO A 103 3.09 15.27 -10.21
CA PRO A 103 2.86 16.70 -9.98
C PRO A 103 3.85 17.34 -9.03
N ILE A 104 4.28 18.55 -9.34
CA ILE A 104 5.24 19.28 -8.51
C ILE A 104 4.58 20.56 -7.98
N TYR A 105 4.81 20.90 -6.71
CA TYR A 105 4.26 22.16 -6.18
C TYR A 105 5.23 22.83 -5.24
N THR A 106 6.53 22.69 -5.47
CA THR A 106 7.49 23.31 -4.59
C THR A 106 8.66 23.87 -5.37
N SER A 107 9.45 24.70 -4.70
CA SER A 107 10.63 25.31 -5.30
C SER A 107 11.67 24.23 -5.44
N LEU A 108 11.75 23.39 -4.40
CA LEU A 108 12.69 22.28 -4.37
C LEU A 108 12.32 21.31 -5.48
N GLY A 109 11.03 21.10 -5.67
CA GLY A 109 10.56 20.21 -6.70
C GLY A 109 11.02 20.61 -8.09
N THR A 110 11.03 21.91 -8.35
CA THR A 110 11.46 22.40 -9.64
C THR A 110 12.89 22.00 -9.77
N LEU A 111 13.55 21.84 -8.63
CA LEU A 111 14.95 21.45 -8.59
C LEU A 111 15.18 19.95 -8.74
N LEU A 112 14.49 19.17 -7.92
CA LEU A 112 14.62 17.72 -7.96
C LEU A 112 14.22 17.28 -9.34
N ASN A 113 13.39 18.09 -10.00
CA ASN A 113 12.96 17.80 -11.36
C ASN A 113 13.91 18.57 -12.26
N LEU A 114 14.72 17.86 -13.05
CA LEU A 114 15.66 18.54 -13.95
C LEU A 114 16.08 17.55 -15.02
N ASN A 115 17.25 17.75 -15.60
CA ASN A 115 17.76 16.88 -16.64
C ASN A 115 18.13 15.49 -16.14
N TYR A 116 19.37 15.32 -15.72
CA TYR A 116 19.87 14.05 -15.22
C TYR A 116 19.18 13.55 -13.94
N VAL A 117 18.98 14.44 -12.97
CA VAL A 117 18.36 14.13 -11.69
C VAL A 117 17.21 13.13 -11.68
N PRO A 118 17.38 12.01 -10.98
CA PRO A 118 16.34 10.98 -10.91
C PRO A 118 15.29 11.46 -9.93
N THR A 119 14.30 12.14 -10.51
CA THR A 119 13.24 12.77 -9.76
C THR A 119 12.31 11.86 -8.99
N PHE A 120 11.71 10.88 -9.67
CA PHE A 120 10.79 9.96 -9.02
C PHE A 120 11.43 9.07 -7.95
N PRO A 121 12.57 8.42 -8.29
CA PRO A 121 13.23 7.54 -7.32
C PRO A 121 13.54 8.31 -6.06
N ILE A 122 14.02 9.54 -6.23
CA ILE A 122 14.36 10.39 -5.12
C ILE A 122 13.10 10.80 -4.38
N MSE A 123 12.11 11.25 -5.12
CA MSE A 123 10.85 11.64 -4.54
C MSE A 123 10.20 10.48 -3.77
O MSE A 123 9.73 10.67 -2.66
CB MSE A 123 9.92 12.14 -5.64
CG MSE A 123 8.79 13.04 -5.15
SE MSE A 123 9.44 14.44 -4.01
CE MSE A 123 9.73 15.79 -5.33
N VAL A 124 10.21 9.29 -4.36
CA VAL A 124 9.61 8.11 -3.73
C VAL A 124 10.23 7.90 -2.35
N PHE A 125 11.50 8.24 -2.20
CA PHE A 125 12.14 8.06 -0.89
C PHE A 125 11.69 9.09 0.13
N ILE A 126 11.72 10.35 -0.27
CA ILE A 126 11.34 11.44 0.63
C ILE A 126 9.92 11.26 1.12
N ASN A 127 8.98 11.03 0.21
CA ASN A 127 7.59 10.84 0.58
C ASN A 127 7.52 9.60 1.40
N GLY A 128 8.46 8.68 1.17
CA GLY A 128 8.49 7.41 1.88
C GLY A 128 8.88 7.53 3.35
N ILE A 129 9.83 8.42 3.61
CA ILE A 129 10.35 8.67 4.96
C ILE A 129 9.28 9.32 5.85
N PHE A 130 8.54 10.26 5.31
CA PHE A 130 7.49 10.85 6.12
C PHE A 130 6.52 9.77 6.56
N PHE A 131 6.19 8.86 5.64
CA PHE A 131 5.25 7.80 5.97
C PHE A 131 5.72 7.02 7.20
N MSE A 132 7.00 6.62 7.23
CA MSE A 132 7.57 5.89 8.36
C MSE A 132 7.21 6.57 9.67
O MSE A 132 7.17 5.92 10.71
CB MSE A 132 9.09 5.82 8.28
CG MSE A 132 9.62 5.11 7.06
SE MSE A 132 11.55 5.02 7.10
CE MSE A 132 11.91 4.63 5.25
N VAL A 133 6.94 7.87 9.60
CA VAL A 133 6.57 8.71 10.76
C VAL A 133 5.18 8.39 11.33
N PHE A 134 4.44 7.55 10.62
CA PHE A 134 3.12 7.12 11.06
C PHE A 134 3.27 5.81 11.85
N LEU A 135 4.33 5.08 11.55
CA LEU A 135 4.58 3.81 12.18
C LEU A 135 4.40 3.72 13.66
N PRO A 136 5.16 4.51 14.43
CA PRO A 136 4.98 4.40 15.88
C PRO A 136 3.50 4.53 16.28
N PHE A 137 2.75 5.24 15.44
CA PHE A 137 1.35 5.43 15.75
C PHE A 137 0.55 4.22 15.33
N VAL A 138 1.05 3.49 14.33
CA VAL A 138 0.40 2.27 13.85
C VAL A 138 0.50 1.23 14.95
N ILE A 139 1.70 1.13 15.52
CA ILE A 139 1.97 0.20 16.60
C ILE A 139 1.26 0.62 17.88
N LEU A 140 1.06 1.93 18.09
CA LEU A 140 0.37 2.38 19.29
C LEU A 140 -0.99 1.68 19.31
N PHE A 141 -1.66 1.64 18.17
CA PHE A 141 -2.96 0.97 18.12
C PHE A 141 -2.86 -0.54 18.08
N ARG A 142 -1.98 -1.08 17.24
CA ARG A 142 -1.86 -2.52 17.23
C ARG A 142 -1.83 -2.96 18.68
N ASN A 143 -1.01 -2.28 19.46
CA ASN A 143 -0.87 -2.59 20.87
C ASN A 143 -2.14 -2.36 21.68
N ILE A 144 -2.90 -1.31 21.35
CA ILE A 144 -4.14 -1.06 22.07
C ILE A 144 -5.09 -2.21 21.80
N LEU A 145 -5.31 -2.49 20.51
CA LEU A 145 -6.20 -3.56 20.08
C LEU A 145 -5.75 -4.93 20.57
N ASN A 146 -4.45 -5.12 20.72
CA ASN A 146 -3.92 -6.39 21.22
C ASN A 146 -4.27 -6.57 22.68
N GLY A 147 -4.98 -5.60 23.24
CA GLY A 147 -5.37 -5.70 24.64
C GLY A 147 -4.17 -5.56 25.55
N ALA A 148 -3.28 -4.63 25.23
CA ALA A 148 -2.11 -4.41 26.06
C ALA A 148 -2.13 -2.99 26.61
N ARG A 149 -1.98 -2.87 27.92
CA ARG A 149 -1.94 -1.59 28.61
C ARG A 149 -0.58 -1.55 29.30
N PRO A 150 -0.04 -0.36 29.58
CA PRO A 150 1.27 -0.24 30.22
C PRO A 150 1.25 0.01 31.73
N LYS A 151 2.10 -0.73 32.43
CA LYS A 151 2.20 -0.63 33.89
C LYS A 151 3.40 0.16 34.42
N THR A 152 4.47 0.27 33.62
CA THR A 152 5.67 0.98 34.06
C THR A 152 6.15 2.17 33.19
N GLY A 153 7.27 2.72 33.61
CA GLY A 153 7.80 3.86 32.92
C GLY A 153 8.08 3.68 31.45
N LYS A 154 9.11 2.91 31.14
CA LYS A 154 9.51 2.70 29.75
C LYS A 154 8.38 2.06 28.89
N GLU A 155 7.40 1.48 29.56
CA GLU A 155 6.31 0.84 28.85
C GLU A 155 5.63 1.81 27.93
N PHE A 156 5.37 3.02 28.41
CA PHE A 156 4.70 4.05 27.61
C PHE A 156 5.50 4.35 26.36
N ILE A 157 6.80 4.50 26.53
CA ILE A 157 7.62 4.74 25.38
C ILE A 157 7.45 3.51 24.51
N LEU A 158 7.55 2.34 25.14
CA LEU A 158 7.40 1.07 24.44
C LEU A 158 6.09 0.96 23.65
N MSE A 159 4.99 1.34 24.30
CA MSE A 159 3.67 1.29 23.70
C MSE A 159 3.71 1.77 22.25
O MSE A 159 2.97 1.27 21.39
CB MSE A 159 2.70 2.15 24.52
CG MSE A 159 1.26 1.85 24.28
SE MSE A 159 1.13 0.06 24.95
CE MSE A 159 -0.61 0.10 25.74
N PHE A 160 4.58 2.73 21.97
CA PHE A 160 4.72 3.28 20.63
C PHE A 160 5.67 2.50 19.70
N PHE A 161 6.83 2.09 20.21
CA PHE A 161 7.78 1.41 19.34
C PHE A 161 7.85 -0.10 19.39
N GLY A 162 7.30 -0.74 20.42
CA GLY A 162 7.38 -2.19 20.48
C GLY A 162 6.03 -2.86 20.57
N GLU A 163 6.00 -4.19 20.51
CA GLU A 163 4.75 -4.95 20.62
C GLU A 163 4.81 -5.96 21.76
N LYS A 164 3.76 -5.98 22.57
CA LYS A 164 3.73 -6.86 23.72
C LYS A 164 2.92 -8.10 23.43
N MSE A 165 3.49 -9.25 23.79
CA MSE A 165 2.87 -10.55 23.58
C MSE A 165 3.42 -11.55 24.61
O MSE A 165 4.32 -11.20 25.37
CB MSE A 165 3.20 -11.04 22.17
CG MSE A 165 4.69 -11.06 21.87
SE MSE A 165 5.02 -11.18 19.98
CE MSE A 165 6.91 -11.61 19.93
N LYS A 166 2.88 -12.76 24.64
CA LYS A 166 3.33 -13.77 25.58
C LYS A 166 4.55 -14.53 25.10
N VAL A 167 5.48 -14.84 26.02
CA VAL A 167 6.71 -15.56 25.68
C VAL A 167 6.47 -16.83 24.87
N ASN A 168 5.26 -17.36 25.02
CA ASN A 168 4.84 -18.54 24.29
C ASN A 168 4.84 -18.09 22.82
N VAL A 169 3.97 -17.14 22.52
CA VAL A 169 3.84 -16.55 21.20
C VAL A 169 5.16 -15.89 20.81
N ALA A 170 5.89 -15.41 21.81
CA ALA A 170 7.18 -14.74 21.61
C ALA A 170 8.13 -15.66 20.88
N LYS A 171 8.35 -16.83 21.48
CA LYS A 171 9.23 -17.82 20.92
C LYS A 171 8.55 -18.43 19.70
N GLU A 172 7.23 -18.62 19.79
CA GLU A 172 6.44 -19.17 18.69
C GLU A 172 6.83 -18.45 17.41
N GLN A 173 6.78 -17.12 17.44
CA GLN A 173 7.13 -16.30 16.29
C GLN A 173 8.65 -16.03 16.26
N LYS A 174 9.36 -16.56 17.27
CA LYS A 174 10.81 -16.41 17.40
C LYS A 174 11.23 -14.99 17.02
N ARG A 175 11.12 -14.09 18.00
CA ARG A 175 11.42 -12.68 17.81
C ARG A 175 12.57 -12.17 18.66
N LEU A 176 12.85 -10.87 18.56
CA LEU A 176 13.93 -10.28 19.34
C LEU A 176 13.43 -9.76 20.68
N ILE A 177 13.97 -10.31 21.76
CA ILE A 177 13.55 -9.89 23.08
C ILE A 177 13.98 -8.46 23.34
N MSE A 178 12.98 -7.62 23.58
CA MSE A 178 13.22 -6.21 23.81
C MSE A 178 13.32 -5.92 25.30
O MSE A 178 14.14 -5.10 25.72
CB MSE A 178 12.11 -5.39 23.15
CG MSE A 178 12.33 -3.91 23.16
SE MSE A 178 11.37 -3.09 21.74
CE MSE A 178 12.51 -1.54 21.52
N GLY A 179 12.49 -6.57 26.09
CA GLY A 179 12.57 -6.33 27.52
C GLY A 179 11.31 -6.63 28.30
N GLN A 180 11.44 -6.70 29.63
CA GLN A 180 10.30 -6.94 30.48
C GLN A 180 10.18 -5.73 31.34
N ASN A 181 8.95 -5.24 31.45
CA ASN A 181 8.63 -4.07 32.24
C ASN A 181 9.58 -2.91 31.98
N ASP A 182 10.51 -2.60 32.88
CA ASP A 182 11.44 -1.49 32.61
C ASP A 182 12.82 -1.96 32.23
N LYS A 183 12.98 -3.28 32.16
CA LYS A 183 14.27 -3.87 31.77
C LYS A 183 14.28 -3.90 30.25
N ILE A 184 14.13 -2.72 29.65
CA ILE A 184 14.09 -2.63 28.20
C ILE A 184 15.34 -2.13 27.50
N ASN A 185 15.75 -2.87 26.48
CA ASN A 185 16.86 -2.50 25.66
C ASN A 185 16.13 -2.17 24.37
N PHE A 186 16.10 -0.91 23.98
CA PHE A 186 15.38 -0.52 22.78
C PHE A 186 16.12 -0.84 21.50
N PHE A 187 17.25 -1.53 21.61
CA PHE A 187 18.05 -1.89 20.43
C PHE A 187 18.69 -3.28 20.60
N PRO A 188 17.87 -4.33 20.77
CA PRO A 188 18.40 -5.69 20.95
C PRO A 188 18.53 -6.48 19.66
N ALA A 189 19.73 -6.99 19.44
CA ALA A 189 20.03 -7.79 18.27
C ALA A 189 21.49 -8.26 18.37
N ASP A 192 22.43 -10.92 21.59
CA ASP A 192 22.76 -12.34 21.50
C ASP A 192 21.68 -13.08 20.71
N GLU A 193 21.47 -12.67 19.46
CA GLU A 193 20.45 -13.28 18.60
C GLU A 193 19.11 -13.12 19.32
N ASP A 194 18.48 -14.23 19.69
CA ASP A 194 17.21 -14.20 20.41
C ASP A 194 17.54 -14.09 21.90
N PHE A 195 18.70 -13.51 22.18
CA PHE A 195 19.24 -13.30 23.52
C PHE A 195 18.50 -14.04 24.65
N SER A 196 18.83 -15.31 24.83
CA SER A 196 18.23 -16.17 25.86
C SER A 196 16.79 -15.78 26.22
N LYS A 197 15.81 -16.44 25.61
CA LYS A 197 14.41 -16.16 25.91
C LYS A 197 13.95 -16.89 27.22
N TYR A 198 14.85 -16.90 28.22
CA TYR A 198 14.63 -17.55 29.52
C TYR A 198 13.62 -16.85 30.44
N SER A 199 12.33 -17.16 30.25
CA SER A 199 11.26 -16.57 31.05
C SER A 199 10.04 -17.51 31.03
N ASN A 200 9.13 -17.33 31.99
CA ASN A 200 7.90 -18.14 32.10
C ASN A 200 6.95 -17.79 30.97
N ASN A 201 5.97 -18.66 30.70
CA ASN A 201 5.03 -18.34 29.63
C ASN A 201 4.18 -17.18 30.09
N GLU A 202 4.85 -16.03 30.17
CA GLU A 202 4.32 -14.74 30.58
C GLU A 202 4.47 -13.66 29.49
N GLU A 203 4.16 -12.43 29.87
CA GLU A 203 4.20 -11.27 28.97
C GLU A 203 5.59 -10.61 28.78
N ILE A 204 5.90 -10.29 27.53
CA ILE A 204 7.18 -9.67 27.18
C ILE A 204 7.13 -8.66 26.01
N TRP A 205 8.15 -7.81 25.94
CA TRP A 205 8.26 -6.80 24.90
C TRP A 205 9.31 -7.21 23.88
N VAL A 206 8.95 -7.09 22.60
CA VAL A 206 9.80 -7.45 21.47
C VAL A 206 9.77 -6.46 20.28
N THR A 207 10.74 -6.61 19.38
CA THR A 207 10.88 -5.76 18.20
C THR A 207 9.91 -6.17 17.14
N PRO A 208 9.19 -5.21 16.54
CA PRO A 208 8.27 -5.63 15.48
C PRO A 208 9.06 -5.77 14.20
N GLN A 209 8.41 -6.24 13.14
CA GLN A 209 9.10 -6.39 11.87
C GLN A 209 8.62 -5.42 10.79
N ILE A 210 7.96 -4.33 11.20
CA ILE A 210 7.48 -3.33 10.24
C ILE A 210 8.73 -2.82 9.53
N PRO A 211 9.04 -3.37 8.34
CA PRO A 211 10.17 -3.07 7.48
C PRO A 211 9.99 -1.79 6.66
N LEU A 212 10.90 -0.85 6.86
CA LEU A 212 10.86 0.42 6.17
C LEU A 212 10.67 0.22 4.67
N ILE A 213 10.73 -1.04 4.22
CA ILE A 213 10.53 -1.37 2.81
C ILE A 213 9.11 -1.00 2.39
N ILE A 214 8.15 -1.33 3.26
CA ILE A 214 6.75 -1.03 3.00
C ILE A 214 6.47 0.46 2.71
N PRO A 215 6.64 1.34 3.72
CA PRO A 215 6.39 2.77 3.51
C PRO A 215 6.93 3.26 2.18
N ILE A 216 8.07 2.71 1.78
CA ILE A 216 8.67 3.08 0.51
C ILE A 216 7.90 2.51 -0.68
N THR A 217 7.30 1.35 -0.49
CA THR A 217 6.51 0.77 -1.57
C THR A 217 5.18 1.51 -1.59
N LEU A 218 4.62 1.81 -0.43
CA LEU A 218 3.38 2.56 -0.47
C LEU A 218 3.76 3.83 -1.18
N SER A 219 4.85 4.44 -0.75
CA SER A 219 5.33 5.69 -1.35
C SER A 219 5.55 5.61 -2.86
N TYR A 220 6.10 4.49 -3.31
CA TYR A 220 6.32 4.29 -4.72
C TYR A 220 5.03 4.48 -5.48
N LEU A 221 3.98 3.80 -5.01
CA LEU A 221 2.65 3.84 -5.63
C LEU A 221 1.90 5.17 -5.52
N VAL A 222 1.95 5.81 -4.34
CA VAL A 222 1.25 7.07 -4.16
C VAL A 222 1.96 8.32 -4.68
N THR A 223 3.29 8.32 -4.66
CA THR A 223 4.06 9.46 -5.15
C THR A 223 3.60 9.99 -6.51
N PRO A 224 3.36 9.09 -7.48
CA PRO A 224 2.91 9.54 -8.80
C PRO A 224 1.63 10.37 -8.69
N ILE A 225 0.83 10.12 -7.66
CA ILE A 225 -0.41 10.87 -7.48
C ILE A 225 -0.22 12.09 -6.58
N ILE A 226 0.59 11.93 -5.54
CA ILE A 226 0.89 13.00 -4.58
C ILE A 226 1.96 14.01 -5.00
N GLY A 227 3.14 13.48 -5.28
CA GLY A 227 4.27 14.32 -5.66
C GLY A 227 4.81 15.16 -4.51
N ASP A 228 4.91 16.46 -4.77
CA ASP A 228 5.43 17.41 -3.81
C ASP A 228 4.52 17.94 -2.74
N ARG A 229 3.26 17.50 -2.74
CA ARG A 229 2.30 18.03 -1.79
C ARG A 229 2.76 17.96 -0.35
N ILE A 230 3.19 16.80 0.09
CA ILE A 230 3.61 16.67 1.47
C ILE A 230 4.73 17.62 1.88
N LEU A 231 5.65 17.88 0.94
CA LEU A 231 6.76 18.78 1.21
C LEU A 231 6.23 20.18 1.33
N ASP A 232 5.19 20.47 0.56
CA ASP A 232 4.57 21.78 0.59
C ASP A 232 3.92 22.04 1.95
N PHE A 233 2.99 21.18 2.32
CA PHE A 233 2.25 21.34 3.57
C PHE A 233 3.16 21.38 4.78
N LEU A 234 4.26 20.64 4.71
CA LEU A 234 5.19 20.56 5.84
C LEU A 234 6.23 21.70 5.85
N ILE A 235 6.03 22.71 4.98
CA ILE A 235 6.94 23.86 4.93
C ILE A 235 6.15 25.18 4.91
N SER B 5 -23.66 13.25 -6.50
CA SER B 5 -22.88 14.22 -5.69
C SER B 5 -22.50 13.71 -4.28
N GLY B 6 -21.24 13.29 -4.13
CA GLY B 6 -20.78 12.80 -2.85
C GLY B 6 -19.62 13.67 -2.38
N SER B 7 -19.78 14.24 -1.20
CA SER B 7 -18.76 15.12 -0.63
C SER B 7 -17.37 14.49 -0.45
N MSE B 8 -16.51 15.21 0.26
CA MSE B 8 -15.16 14.78 0.57
C MSE B 8 -15.17 14.16 1.96
O MSE B 8 -14.47 13.18 2.19
CB MSE B 8 -14.19 15.95 0.55
CG MSE B 8 -13.44 16.10 -0.75
SE MSE B 8 -12.09 14.74 -1.00
CE MSE B 8 -10.49 15.83 -0.92
N ILE B 9 -15.97 14.72 2.86
CA ILE B 9 -16.04 14.17 4.20
C ILE B 9 -16.32 12.67 3.99
N GLU B 10 -17.19 12.38 3.03
CA GLU B 10 -17.55 11.00 2.73
C GLU B 10 -16.35 10.23 2.20
N TYR B 11 -15.74 10.71 1.14
CA TYR B 11 -14.61 10.01 0.58
C TYR B 11 -13.53 9.81 1.61
N ILE B 12 -13.15 10.89 2.29
CA ILE B 12 -12.09 10.85 3.29
C ILE B 12 -12.31 9.73 4.33
N ILE B 13 -13.47 9.73 4.97
CA ILE B 13 -13.77 8.70 5.96
C ILE B 13 -13.58 7.30 5.38
N GLY B 14 -14.12 7.09 4.18
CA GLY B 14 -14.00 5.79 3.54
C GLY B 14 -12.57 5.30 3.57
N ALA B 15 -11.66 6.20 3.27
CA ALA B 15 -10.24 5.87 3.28
C ALA B 15 -9.86 5.49 4.71
N LEU B 16 -10.18 6.39 5.64
CA LEU B 16 -9.85 6.16 7.03
C LEU B 16 -10.33 4.77 7.40
N GLY B 17 -11.51 4.40 6.91
CA GLY B 17 -12.02 3.09 7.23
C GLY B 17 -11.21 1.98 6.57
N LEU B 18 -11.19 1.95 5.24
CA LEU B 18 -10.48 0.89 4.55
C LEU B 18 -9.04 0.81 4.94
N ILE B 19 -8.46 1.95 5.32
CA ILE B 19 -7.07 1.95 5.71
C ILE B 19 -6.87 1.23 7.04
N ILE B 20 -7.65 1.61 8.04
CA ILE B 20 -7.57 0.97 9.36
C ILE B 20 -7.71 -0.53 9.19
N ALA B 21 -8.76 -0.92 8.48
CA ALA B 21 -9.04 -2.33 8.23
C ALA B 21 -7.86 -3.00 7.53
N SER B 22 -7.27 -2.29 6.58
CA SER B 22 -6.13 -2.78 5.83
C SER B 22 -4.93 -2.86 6.78
N VAL B 23 -4.41 -1.70 7.18
CA VAL B 23 -3.25 -1.64 8.07
C VAL B 23 -3.34 -2.50 9.34
N GLN B 24 -4.31 -2.21 10.19
CA GLN B 24 -4.45 -2.99 11.41
C GLN B 24 -5.04 -4.42 11.29
N ASP B 25 -5.14 -4.93 10.05
CA ASP B 25 -5.67 -6.28 9.78
C ASP B 25 -6.83 -6.59 10.73
N PHE B 26 -8.01 -6.09 10.38
CA PHE B 26 -9.18 -6.31 11.23
C PHE B 26 -9.81 -7.68 11.02
N ARG B 27 -9.86 -8.17 9.78
CA ARG B 27 -10.43 -9.49 9.52
C ARG B 27 -9.94 -10.43 10.62
N SER B 28 -8.62 -10.53 10.74
CA SER B 28 -8.03 -11.40 11.77
C SER B 28 -8.63 -11.10 13.13
N ARG B 29 -8.46 -9.87 13.60
CA ARG B 29 -9.00 -9.47 14.89
C ARG B 29 -10.48 -9.78 15.01
N GLU B 30 -11.18 -9.84 13.87
CA GLU B 30 -12.60 -10.11 13.85
C GLU B 30 -13.38 -8.89 14.38
N ILE B 31 -13.45 -7.85 13.56
CA ILE B 31 -14.20 -6.64 13.91
C ILE B 31 -14.52 -5.96 12.58
N GLU B 32 -13.87 -6.46 11.53
CA GLU B 32 -14.06 -5.94 10.17
C GLU B 32 -15.52 -5.61 9.89
N ASP B 33 -16.41 -6.33 10.56
CA ASP B 33 -17.82 -6.11 10.33
C ASP B 33 -18.30 -4.80 10.89
N TYR B 34 -17.64 -4.26 11.92
CA TYR B 34 -18.03 -2.97 12.52
C TYR B 34 -17.81 -1.78 11.60
N ILE B 35 -16.58 -1.64 11.15
CA ILE B 35 -16.27 -0.57 10.24
C ILE B 35 -17.29 -0.54 9.11
N TRP B 36 -17.70 -1.70 8.61
CA TRP B 36 -18.71 -1.72 7.55
C TRP B 36 -20.05 -1.18 8.08
N ILE B 37 -20.41 -1.54 9.30
CA ILE B 37 -21.64 -1.04 9.89
C ILE B 37 -21.53 0.47 10.12
N PHE B 38 -20.38 0.91 10.60
CA PHE B 38 -20.17 2.32 10.81
C PHE B 38 -20.32 3.12 9.49
N LEU B 39 -19.51 2.77 8.49
CA LEU B 39 -19.50 3.45 7.19
C LEU B 39 -20.88 3.45 6.57
N ALA B 40 -21.60 2.34 6.73
CA ALA B 40 -22.94 2.22 6.18
C ALA B 40 -23.92 3.20 6.84
N VAL B 41 -23.88 3.23 8.17
CA VAL B 41 -24.76 4.08 8.93
C VAL B 41 -24.46 5.57 8.73
N PHE B 42 -23.23 5.98 8.99
CA PHE B 42 -22.88 7.36 8.84
C PHE B 42 -23.30 7.80 7.47
N GLY B 43 -22.90 7.01 6.49
CA GLY B 43 -23.19 7.31 5.11
C GLY B 43 -24.66 7.60 4.85
N VAL B 44 -25.54 6.76 5.43
CA VAL B 44 -26.96 6.93 5.24
C VAL B 44 -27.44 8.14 5.98
N LEU B 45 -26.94 8.33 7.21
CA LEU B 45 -27.35 9.48 7.97
C LEU B 45 -26.88 10.76 7.30
N PHE B 46 -25.58 10.82 7.01
CA PHE B 46 -25.00 11.98 6.35
C PHE B 46 -25.72 12.30 5.05
N ALA B 47 -26.20 11.25 4.38
CA ALA B 47 -26.94 11.38 3.11
C ALA B 47 -28.25 12.13 3.35
N ILE B 48 -28.81 11.91 4.53
CA ILE B 48 -30.05 12.58 4.96
C ILE B 48 -29.69 14.01 5.32
N TYR B 49 -28.72 14.14 6.23
CA TYR B 49 -28.25 15.46 6.66
C TYR B 49 -27.86 16.28 5.44
N SER B 50 -27.12 15.66 4.52
CA SER B 50 -26.69 16.32 3.30
C SER B 50 -27.88 16.82 2.52
N SER B 51 -28.96 16.06 2.49
CA SER B 51 -30.15 16.49 1.77
C SER B 51 -30.92 17.67 2.41
N ILE B 52 -31.30 17.52 3.67
CA ILE B 52 -31.99 18.59 4.37
C ILE B 52 -31.16 19.86 4.18
N THR B 53 -29.85 19.69 4.26
CA THR B 53 -28.88 20.76 4.07
C THR B 53 -28.93 21.32 2.64
N LEU B 54 -28.43 20.54 1.69
CA LEU B 54 -28.34 20.93 0.28
C LEU B 54 -29.65 21.15 -0.48
N LEU B 55 -30.75 20.60 0.02
CA LEU B 55 -32.08 20.76 -0.60
C LEU B 55 -32.51 19.81 -1.74
N ASP B 56 -31.89 18.63 -1.89
CA ASP B 56 -32.37 17.67 -2.89
C ASP B 56 -32.73 16.35 -2.24
N TYR B 57 -33.20 15.44 -3.08
CA TYR B 57 -33.62 14.12 -2.69
C TYR B 57 -32.70 13.17 -3.41
N SER B 58 -31.98 13.69 -4.40
CA SER B 58 -31.06 12.90 -5.22
C SER B 58 -29.98 12.25 -4.35
N ILE B 59 -29.65 12.95 -3.28
CA ILE B 59 -28.62 12.52 -2.33
C ILE B 59 -28.98 11.24 -1.62
N LEU B 60 -30.13 11.28 -0.95
CA LEU B 60 -30.61 10.15 -0.18
C LEU B 60 -30.83 8.97 -1.11
N ILE B 61 -31.41 9.25 -2.26
CA ILE B 61 -31.70 8.20 -3.21
C ILE B 61 -30.43 7.49 -3.65
N ASN B 62 -29.40 8.25 -4.00
CA ASN B 62 -28.19 7.59 -4.46
C ASN B 62 -27.54 6.79 -3.35
N SER B 63 -27.73 7.23 -2.11
CA SER B 63 -27.15 6.52 -0.97
C SER B 63 -27.82 5.17 -0.75
N ILE B 64 -29.15 5.18 -0.75
CA ILE B 64 -29.93 3.97 -0.54
C ILE B 64 -29.83 3.06 -1.75
N SER B 65 -30.21 3.58 -2.91
CA SER B 65 -30.12 2.79 -4.14
C SER B 65 -28.79 2.03 -4.16
N GLY B 66 -27.74 2.66 -3.65
CA GLY B 66 -26.45 2.01 -3.61
C GLY B 66 -26.46 0.75 -2.77
N PHE B 67 -27.04 0.87 -1.58
CA PHE B 67 -27.15 -0.24 -0.62
C PHE B 67 -27.82 -1.46 -1.29
N VAL B 68 -29.01 -1.24 -1.83
CA VAL B 68 -29.76 -2.28 -2.50
C VAL B 68 -28.96 -2.92 -3.64
N ILE B 69 -28.46 -2.10 -4.56
CA ILE B 69 -27.67 -2.61 -5.68
C ILE B 69 -26.42 -3.33 -5.19
N CYS B 70 -25.75 -2.73 -4.23
CA CYS B 70 -24.53 -3.33 -3.74
C CYS B 70 -24.80 -4.65 -3.06
N PHE B 71 -25.97 -4.79 -2.46
CA PHE B 71 -26.33 -6.04 -1.78
C PHE B 71 -26.37 -7.18 -2.78
N ILE B 72 -27.10 -6.96 -3.86
CA ILE B 72 -27.25 -7.95 -4.92
C ILE B 72 -25.84 -8.34 -5.37
N LEU B 73 -25.04 -7.35 -5.71
CA LEU B 73 -23.68 -7.64 -6.15
C LEU B 73 -22.92 -8.31 -5.03
N GLY B 74 -23.11 -7.83 -3.82
CA GLY B 74 -22.42 -8.44 -2.71
C GLY B 74 -22.86 -9.87 -2.46
N TYR B 75 -24.18 -10.09 -2.47
CA TYR B 75 -24.69 -11.42 -2.26
C TYR B 75 -24.22 -12.29 -3.39
N MSE B 76 -24.34 -11.73 -4.59
CA MSE B 76 -23.93 -12.43 -5.78
C MSE B 76 -22.48 -12.82 -5.61
O MSE B 76 -22.12 -13.97 -5.70
CB MSE B 76 -24.09 -11.55 -7.04
CG MSE B 76 -25.08 -12.08 -8.08
SE MSE B 76 -26.24 -10.75 -8.87
CE MSE B 76 -25.41 -10.36 -10.52
N MSE B 77 -21.67 -11.82 -5.28
CA MSE B 77 -20.25 -12.05 -5.10
C MSE B 77 -19.99 -13.17 -4.12
O MSE B 77 -19.07 -13.97 -4.29
CB MSE B 77 -19.57 -10.77 -4.61
CG MSE B 77 -18.58 -10.19 -5.58
SE MSE B 77 -18.16 -8.35 -5.11
CE MSE B 77 -16.39 -8.57 -4.50
N PHE B 78 -20.80 -13.22 -3.08
CA PHE B 78 -20.66 -14.23 -2.06
C PHE B 78 -20.94 -15.64 -2.56
N LEU B 79 -22.10 -15.85 -3.14
CA LEU B 79 -22.49 -17.14 -3.67
C LEU B 79 -21.60 -17.57 -4.85
N SER B 80 -21.24 -16.60 -5.67
CA SER B 80 -20.43 -16.84 -6.85
C SER B 80 -19.05 -17.37 -6.55
N GLY B 81 -18.82 -17.81 -5.31
CA GLY B 81 -17.51 -18.36 -5.01
C GLY B 81 -16.98 -18.09 -3.62
N ILE B 82 -16.67 -16.83 -3.35
CA ILE B 82 -16.16 -16.43 -2.05
C ILE B 82 -16.23 -14.91 -1.93
N GLY B 83 -15.78 -14.38 -0.80
CA GLY B 83 -15.84 -12.96 -0.60
C GLY B 83 -17.06 -12.66 0.22
N GLY B 84 -17.37 -13.58 1.12
CA GLY B 84 -18.52 -13.39 1.97
C GLY B 84 -18.30 -12.17 2.85
N GLY B 85 -17.04 -11.93 3.20
CA GLY B 85 -16.71 -10.79 4.03
C GLY B 85 -16.53 -9.55 3.18
N ASP B 86 -15.92 -9.73 2.02
CA ASP B 86 -15.69 -8.60 1.14
C ASP B 86 -16.97 -8.04 0.57
N GLY B 87 -17.96 -8.89 0.37
CA GLY B 87 -19.22 -8.40 -0.15
C GLY B 87 -19.71 -7.28 0.74
N LYS B 88 -19.64 -7.52 2.06
CA LYS B 88 -20.08 -6.58 3.09
C LYS B 88 -19.35 -5.21 3.06
N MSE B 89 -18.05 -5.24 2.75
CA MSE B 89 -17.26 -4.02 2.61
C MSE B 89 -17.79 -3.13 1.47
O MSE B 89 -17.89 -1.91 1.62
CB MSE B 89 -15.81 -4.42 2.33
CG MSE B 89 -14.85 -3.29 2.02
SE MSE B 89 -13.37 -3.94 0.98
CE MSE B 89 -12.35 -4.92 2.22
N LEU B 90 -18.08 -3.76 0.35
CA LEU B 90 -18.59 -3.10 -0.84
C LEU B 90 -19.83 -2.29 -0.49
N ILE B 91 -20.59 -2.84 0.44
CA ILE B 91 -21.83 -2.24 0.92
C ILE B 91 -21.59 -1.00 1.80
N GLY B 92 -20.57 -1.07 2.65
CA GLY B 92 -20.29 0.05 3.51
C GLY B 92 -19.92 1.20 2.65
N LEU B 93 -19.08 0.94 1.66
CA LEU B 93 -18.63 1.97 0.74
C LEU B 93 -19.82 2.35 -0.11
N GLY B 94 -20.60 1.35 -0.47
CA GLY B 94 -21.74 1.63 -1.32
C GLY B 94 -22.62 2.78 -0.85
N ALA B 95 -23.05 2.79 0.41
CA ALA B 95 -23.92 3.87 0.90
C ALA B 95 -23.11 5.08 1.33
N LEU B 96 -21.79 4.97 1.26
CA LEU B 96 -20.93 6.09 1.63
C LEU B 96 -20.49 6.87 0.42
N VAL B 97 -19.47 6.41 -0.27
CA VAL B 97 -19.00 7.14 -1.45
C VAL B 97 -19.42 6.60 -2.81
N PRO B 98 -20.73 6.49 -3.05
CA PRO B 98 -21.15 5.98 -4.36
C PRO B 98 -21.43 7.21 -5.20
N LYS B 99 -20.41 7.67 -5.92
CA LYS B 99 -20.47 8.85 -6.79
C LYS B 99 -19.33 9.82 -6.48
N PHE B 100 -18.13 9.52 -6.96
CA PHE B 100 -17.00 10.41 -6.74
C PHE B 100 -16.59 10.94 -8.10
N GLN B 101 -15.80 12.00 -8.12
CA GLN B 101 -15.38 12.62 -9.38
C GLN B 101 -14.43 11.83 -10.30
N MSE B 102 -14.77 10.58 -10.60
CA MSE B 102 -13.96 9.74 -11.50
C MSE B 102 -13.98 10.19 -12.96
O MSE B 102 -15.03 10.57 -13.49
CB MSE B 102 -14.47 8.32 -11.52
CG MSE B 102 -14.19 7.46 -10.35
SE MSE B 102 -15.44 6.06 -10.62
CE MSE B 102 -15.33 5.87 -12.55
N PRO B 103 -12.84 10.10 -13.64
CA PRO B 103 -12.79 10.50 -15.04
C PRO B 103 -13.16 9.29 -15.87
N ILE B 104 -14.31 9.34 -16.54
CA ILE B 104 -14.81 8.24 -17.36
C ILE B 104 -14.22 8.13 -18.76
N TYR B 105 -13.71 6.95 -19.10
CA TYR B 105 -13.13 6.69 -20.43
C TYR B 105 -13.95 5.61 -21.16
N THR B 106 -13.67 4.34 -20.87
CA THR B 106 -14.40 3.23 -21.48
C THR B 106 -15.91 3.47 -21.41
N SER B 107 -16.63 3.08 -22.46
CA SER B 107 -18.08 3.26 -22.51
C SER B 107 -18.80 2.63 -21.32
N LEU B 108 -18.28 1.50 -20.81
CA LEU B 108 -18.91 0.84 -19.67
C LEU B 108 -18.92 1.84 -18.55
N GLY B 109 -17.89 2.68 -18.53
CA GLY B 109 -17.80 3.72 -17.51
C GLY B 109 -18.97 4.68 -17.59
N THR B 110 -19.21 5.24 -18.78
CA THR B 110 -20.32 6.15 -19.00
C THR B 110 -21.60 5.40 -18.64
N LEU B 111 -21.61 4.10 -18.96
CA LEU B 111 -22.74 3.22 -18.68
C LEU B 111 -22.95 3.05 -17.19
N LEU B 112 -21.89 2.74 -16.44
CA LEU B 112 -21.98 2.57 -14.98
C LEU B 112 -22.41 3.87 -14.29
N ASN B 113 -22.60 4.92 -15.08
CA ASN B 113 -23.02 6.24 -14.61
C ASN B 113 -24.53 6.46 -14.79
N LEU B 114 -25.25 6.54 -13.68
CA LEU B 114 -26.71 6.76 -13.72
C LEU B 114 -27.28 6.77 -12.30
N ASN B 115 -28.53 7.17 -12.17
CA ASN B 115 -29.20 7.23 -10.87
C ASN B 115 -28.71 6.24 -9.84
N TYR B 116 -29.35 5.07 -9.84
CA TYR B 116 -29.05 4.01 -8.90
C TYR B 116 -27.62 3.50 -8.88
N VAL B 117 -27.02 3.36 -10.06
CA VAL B 117 -25.66 2.84 -10.16
C VAL B 117 -24.61 3.53 -9.30
N PRO B 118 -24.09 2.82 -8.27
CA PRO B 118 -23.08 3.34 -7.34
C PRO B 118 -21.67 3.27 -7.96
N THR B 119 -21.51 4.03 -9.03
CA THR B 119 -20.27 4.07 -9.80
C THR B 119 -18.93 3.88 -9.08
N PHE B 120 -18.69 4.64 -8.01
CA PHE B 120 -17.41 4.57 -7.33
C PHE B 120 -17.03 3.25 -6.66
N PRO B 121 -17.83 2.76 -5.70
CA PRO B 121 -17.43 1.50 -5.09
C PRO B 121 -17.32 0.40 -6.15
N ILE B 122 -18.29 0.37 -7.05
CA ILE B 122 -18.30 -0.61 -8.13
C ILE B 122 -17.02 -0.50 -8.91
N MSE B 123 -16.65 0.73 -9.29
CA MSE B 123 -15.43 0.97 -10.06
C MSE B 123 -14.20 0.61 -9.23
O MSE B 123 -13.22 0.04 -9.76
CB MSE B 123 -15.35 2.44 -10.48
CG MSE B 123 -14.22 2.70 -11.45
SE MSE B 123 -14.48 1.69 -13.05
CE MSE B 123 -14.08 3.05 -14.33
N VAL B 124 -14.26 0.93 -7.94
CA VAL B 124 -13.17 0.66 -7.02
C VAL B 124 -12.89 -0.84 -6.98
N PHE B 125 -13.92 -1.66 -7.08
CA PHE B 125 -13.76 -3.12 -7.07
C PHE B 125 -13.25 -3.62 -8.43
N ILE B 126 -13.78 -3.02 -9.48
CA ILE B 126 -13.39 -3.38 -10.80
C ILE B 126 -11.89 -3.09 -10.99
N ASN B 127 -11.45 -1.87 -10.67
CA ASN B 127 -10.04 -1.49 -10.80
C ASN B 127 -9.19 -2.36 -9.89
N GLY B 128 -9.76 -2.63 -8.74
CA GLY B 128 -9.03 -3.40 -7.77
C GLY B 128 -8.71 -4.83 -8.12
N ILE B 129 -9.65 -5.55 -8.73
CA ILE B 129 -9.42 -6.93 -9.08
C ILE B 129 -8.27 -7.00 -10.05
N PHE B 130 -8.20 -5.99 -10.90
CA PHE B 130 -7.12 -5.97 -11.87
C PHE B 130 -5.75 -6.01 -11.19
N PHE B 131 -5.53 -5.13 -10.22
CA PHE B 131 -4.25 -5.12 -9.50
C PHE B 131 -3.84 -6.53 -9.20
N MSE B 132 -4.81 -7.35 -8.74
CA MSE B 132 -4.57 -8.74 -8.40
C MSE B 132 -3.59 -9.40 -9.35
O MSE B 132 -2.78 -10.20 -8.90
CB MSE B 132 -5.87 -9.55 -8.36
CG MSE B 132 -6.77 -9.14 -7.24
SE MSE B 132 -7.18 -10.62 -6.13
CE MSE B 132 -8.00 -9.74 -4.64
N VAL B 133 -3.66 -9.07 -10.64
CA VAL B 133 -2.74 -9.63 -11.63
C VAL B 133 -1.30 -9.70 -11.12
N PHE B 134 -0.89 -8.78 -10.26
CA PHE B 134 0.47 -8.80 -9.70
C PHE B 134 0.68 -9.99 -8.73
N LEU B 135 -0.40 -10.64 -8.32
CA LEU B 135 -0.30 -11.75 -7.37
C LEU B 135 0.40 -13.04 -7.86
N PRO B 136 0.17 -13.43 -9.13
CA PRO B 136 0.83 -14.64 -9.61
C PRO B 136 2.33 -14.43 -9.61
N PHE B 137 2.76 -13.26 -10.09
CA PHE B 137 4.18 -12.93 -10.13
C PHE B 137 4.67 -12.98 -8.70
N VAL B 138 3.87 -12.45 -7.79
CA VAL B 138 4.23 -12.45 -6.38
C VAL B 138 4.47 -13.86 -5.84
N ILE B 139 3.56 -14.77 -6.17
CA ILE B 139 3.68 -16.15 -5.69
C ILE B 139 4.83 -16.93 -6.34
N LEU B 140 5.11 -16.59 -7.60
CA LEU B 140 6.15 -17.28 -8.35
C LEU B 140 7.49 -17.14 -7.67
N PHE B 141 7.85 -15.91 -7.29
CA PHE B 141 9.10 -15.70 -6.59
C PHE B 141 9.08 -16.26 -5.21
N ARG B 142 8.01 -15.97 -4.49
CA ARG B 142 7.85 -16.44 -3.12
C ARG B 142 8.00 -17.95 -2.98
N ASN B 143 7.30 -18.72 -3.82
CA ASN B 143 7.40 -20.17 -3.73
C ASN B 143 8.79 -20.61 -4.12
N ILE B 144 9.35 -20.00 -5.16
CA ILE B 144 10.71 -20.30 -5.62
C ILE B 144 11.67 -20.23 -4.45
N LEU B 145 11.54 -19.15 -3.67
CA LEU B 145 12.38 -18.91 -2.50
C LEU B 145 12.31 -20.03 -1.46
N ASN B 146 11.14 -20.66 -1.31
CA ASN B 146 10.98 -21.73 -0.31
C ASN B 146 10.88 -23.15 -0.87
N GLY B 147 10.14 -23.34 -1.96
CA GLY B 147 10.01 -24.66 -2.55
C GLY B 147 11.13 -24.95 -3.55
N ALA B 148 11.66 -23.89 -4.15
CA ALA B 148 12.76 -23.95 -5.13
C ALA B 148 12.72 -25.08 -6.16
N ARG B 149 11.55 -25.71 -6.34
CA ARG B 149 11.46 -26.80 -7.31
C ARG B 149 10.04 -27.02 -7.85
N PRO B 150 9.90 -27.08 -9.20
CA PRO B 150 8.63 -27.29 -9.90
C PRO B 150 8.41 -28.75 -10.32
N LYS B 151 8.10 -29.61 -9.36
CA LYS B 151 7.88 -31.03 -9.63
C LYS B 151 6.56 -31.24 -10.37
N ILE B 157 2.96 -24.13 -14.03
CA ILE B 157 1.90 -23.15 -13.85
C ILE B 157 1.37 -23.13 -12.41
N LEU B 158 1.42 -24.29 -11.75
CA LEU B 158 0.94 -24.40 -10.38
C LEU B 158 1.70 -23.41 -9.50
N MSE B 159 2.98 -23.22 -9.78
CA MSE B 159 3.79 -22.29 -9.00
C MSE B 159 3.32 -20.88 -9.31
O MSE B 159 2.71 -20.22 -8.46
CB MSE B 159 5.27 -22.46 -9.35
CG MSE B 159 6.17 -22.47 -8.14
SE MSE B 159 7.89 -23.22 -8.56
CE MSE B 159 8.74 -23.00 -6.84
N PHE B 160 3.58 -20.45 -10.53
CA PHE B 160 3.21 -19.14 -11.04
C PHE B 160 1.77 -18.75 -10.67
N PHE B 161 0.96 -19.74 -10.30
CA PHE B 161 -0.43 -19.46 -9.92
C PHE B 161 -0.75 -19.87 -8.48
N GLY B 162 -0.86 -21.17 -8.24
CA GLY B 162 -1.16 -21.65 -6.89
C GLY B 162 0.08 -21.65 -6.02
N GLU B 163 -0.06 -22.14 -4.78
CA GLU B 163 1.05 -22.19 -3.83
C GLU B 163 1.14 -23.50 -3.04
N LYS B 164 2.25 -23.67 -2.33
CA LYS B 164 2.47 -24.88 -1.52
C LYS B 164 3.36 -24.60 -0.31
N MSE B 165 3.10 -25.34 0.77
CA MSE B 165 3.87 -25.21 2.01
C MSE B 165 4.00 -26.58 2.65
O MSE B 165 3.07 -27.39 2.62
CB MSE B 165 3.17 -24.25 2.98
CG MSE B 165 2.16 -24.92 3.91
SE MSE B 165 0.38 -24.24 3.74
CE MSE B 165 0.45 -22.86 5.08
N VAL B 206 -1.06 -26.69 -2.78
CA VAL B 206 -1.96 -25.96 -1.88
C VAL B 206 -2.63 -24.79 -2.61
N THR B 207 -3.26 -23.89 -1.86
CA THR B 207 -3.92 -22.73 -2.47
C THR B 207 -3.79 -21.49 -1.59
N PRO B 208 -3.33 -20.36 -2.18
CA PRO B 208 -3.17 -19.10 -1.46
C PRO B 208 -4.48 -18.55 -0.92
N GLN B 209 -4.38 -17.46 -0.18
CA GLN B 209 -5.57 -16.84 0.41
C GLN B 209 -5.91 -15.50 -0.25
N ILE B 210 -4.87 -14.74 -0.60
CA ILE B 210 -5.04 -13.43 -1.25
C ILE B 210 -6.05 -12.54 -0.50
N PRO B 211 -5.54 -11.64 0.37
CA PRO B 211 -6.29 -10.69 1.20
C PRO B 211 -6.88 -9.54 0.35
N LEU B 212 -8.15 -9.67 0.00
CA LEU B 212 -8.82 -8.66 -0.84
C LEU B 212 -8.83 -7.23 -0.27
N ILE B 213 -8.71 -7.13 1.05
CA ILE B 213 -8.73 -5.81 1.67
C ILE B 213 -7.64 -4.90 1.13
N ILE B 214 -6.44 -5.42 0.94
CA ILE B 214 -5.35 -4.58 0.46
C ILE B 214 -5.53 -3.98 -0.97
N PRO B 215 -5.78 -4.84 -1.96
CA PRO B 215 -5.94 -4.32 -3.31
C PRO B 215 -7.03 -3.29 -3.42
N ILE B 216 -8.19 -3.64 -2.87
CA ILE B 216 -9.36 -2.77 -2.91
C ILE B 216 -9.12 -1.42 -2.28
N THR B 217 -8.47 -1.43 -1.12
CA THR B 217 -8.13 -0.22 -0.39
C THR B 217 -7.23 0.70 -1.19
N LEU B 218 -6.12 0.14 -1.69
CA LEU B 218 -5.15 0.88 -2.47
C LEU B 218 -5.81 1.53 -3.67
N SER B 219 -6.73 0.80 -4.26
CA SER B 219 -7.50 1.27 -5.41
C SER B 219 -8.41 2.45 -5.01
N TYR B 220 -9.06 2.31 -3.86
CA TYR B 220 -9.95 3.32 -3.36
C TYR B 220 -9.21 4.65 -3.22
N LEU B 221 -7.91 4.63 -3.46
CA LEU B 221 -7.08 5.81 -3.35
C LEU B 221 -6.69 6.33 -4.73
N VAL B 222 -6.35 5.40 -5.62
CA VAL B 222 -5.88 5.72 -6.97
C VAL B 222 -6.97 5.84 -8.05
N THR B 223 -8.12 5.21 -7.81
CA THR B 223 -9.20 5.24 -8.78
C THR B 223 -9.73 6.62 -9.14
N PRO B 224 -9.97 7.48 -8.14
CA PRO B 224 -10.49 8.82 -8.42
C PRO B 224 -9.67 9.48 -9.51
N ILE B 225 -8.42 9.06 -9.62
CA ILE B 225 -7.51 9.62 -10.59
C ILE B 225 -7.35 8.77 -11.85
N ILE B 226 -7.38 7.46 -11.70
CA ILE B 226 -7.22 6.58 -12.87
C ILE B 226 -8.49 6.56 -13.72
N GLY B 227 -9.63 6.43 -13.05
CA GLY B 227 -10.89 6.40 -13.76
C GLY B 227 -11.20 5.06 -14.39
N ASP B 228 -11.28 5.04 -15.71
CA ASP B 228 -11.62 3.82 -16.45
C ASP B 228 -10.50 3.37 -17.39
N ARG B 229 -9.29 3.90 -17.19
CA ARG B 229 -8.15 3.55 -18.02
C ARG B 229 -7.79 2.07 -18.07
N ILE B 230 -7.81 1.43 -16.90
CA ILE B 230 -7.47 0.02 -16.81
C ILE B 230 -8.37 -0.79 -17.69
N LEU B 231 -9.66 -0.49 -17.64
CA LEU B 231 -10.62 -1.21 -18.45
C LEU B 231 -10.36 -0.84 -19.89
N ASP B 232 -10.08 0.44 -20.11
CA ASP B 232 -9.79 0.96 -21.45
C ASP B 232 -8.68 0.17 -22.18
N PHE B 233 -7.52 0.09 -21.55
CA PHE B 233 -6.40 -0.64 -22.13
C PHE B 233 -6.74 -2.12 -22.22
N LEU B 234 -7.36 -2.64 -21.16
CA LEU B 234 -7.72 -4.04 -21.11
C LEU B 234 -8.72 -4.42 -22.21
N ILE B 235 -9.64 -3.51 -22.54
CA ILE B 235 -10.65 -3.78 -23.57
C ILE B 235 -10.23 -3.18 -24.90
#